data_7P90
#
_entry.id   7P90
#
_cell.length_a   35.160
_cell.length_b   80.920
_cell.length_c   81.540
_cell.angle_alpha   90.000
_cell.angle_beta   90.000
_cell.angle_gamma   90.000
#
_symmetry.space_group_name_H-M   'P 21 21 21'
#
loop_
_entity.id
_entity.type
_entity.pdbx_description
1 polymer 'Alginate lyase (PL7)'
2 branched '4-deoxy-alpha-L-erythro-hex-4-enopyranuronic acid-(1-4)-beta-D-mannopyranuronic acid-(1-4)-beta-D-mannopyranuronic acid'
3 branched 'beta-D-mannopyranuronic acid-(1-4)-beta-D-mannopyranuronic acid-(1-4)-beta-D-mannopyranuronic acid'
4 water water
#
_entity_poly.entity_id   1
_entity_poly.type   'polypeptide(L)'
_entity_poly.pdbx_seq_one_letter_code
;EFYTAPSTESKFTEVLSKAKLQYPTSTTVAFADDLLDGYAASYFYLTSDLYMQFQVAGSSQRSELREMETSGDEAAWDCT
GSTAHVASAQIAIPVQEDGIEEVTILQVHDSDVTPVLRISWVSSITIDGVTSEDVVLATIRNGIDDSTATKTVLQAHTTS
RTEFNINVQNSKLSITVDGTTELDEADISQFDGSTCYFKAGAYNNNPTDTSANARIKMYELEWVDHHHHHH
;
_entity_poly.pdbx_strand_id   A
#
loop_
_chem_comp.id
_chem_comp.type
_chem_comp.name
_chem_comp.formula
BEM D-saccharide, beta linking 'beta-D-mannopyranuronic acid' 'C6 H10 O7'
MAW L-saccharide, alpha linking '4-deoxy-alpha-L-erythro-hex-4-enopyranuronic acid' 'C6 H8 O6'
#
# COMPACT_ATOMS: atom_id res chain seq x y z
N PHE A 2 -20.44 7.58 14.29
CA PHE A 2 -21.26 6.49 13.75
C PHE A 2 -20.47 5.66 12.72
N TYR A 3 -19.25 5.26 13.05
CA TYR A 3 -18.43 4.42 12.19
C TYR A 3 -18.04 3.16 12.93
N THR A 4 -18.20 2.01 12.29
CA THR A 4 -17.79 0.74 12.88
C THR A 4 -16.28 0.52 12.74
N ALA A 5 -15.68 -0.03 13.80
CA ALA A 5 -14.22 -0.17 13.81
C ALA A 5 -13.78 -1.43 13.06
N PRO A 6 -12.76 -1.33 12.21
CA PRO A 6 -12.21 -2.55 11.61
C PRO A 6 -11.80 -3.60 12.63
N SER A 7 -11.40 -3.18 13.83
CA SER A 7 -11.01 -4.13 14.88
C SER A 7 -12.13 -5.06 15.29
N THR A 8 -13.39 -4.79 14.92
CA THR A 8 -14.46 -5.72 15.26
C THR A 8 -14.40 -6.99 14.43
N GLU A 9 -13.59 -7.03 13.37
CA GLU A 9 -13.45 -8.21 12.53
C GLU A 9 -12.13 -8.89 12.85
N SER A 10 -12.18 -10.15 13.27
CA SER A 10 -10.93 -10.79 13.70
C SER A 10 -9.95 -11.03 12.55
N LYS A 11 -10.43 -11.02 11.30
CA LYS A 11 -9.51 -11.11 10.17
C LYS A 11 -8.53 -9.94 10.16
N PHE A 12 -8.83 -8.85 10.86
CA PHE A 12 -7.91 -7.71 10.88
C PHE A 12 -7.09 -7.61 12.16
N THR A 13 -7.38 -8.44 13.18
CA THR A 13 -6.73 -8.26 14.48
C THR A 13 -5.20 -8.29 14.34
N GLU A 14 -4.67 -9.27 13.60
CA GLU A 14 -3.22 -9.42 13.57
C GLU A 14 -2.57 -8.25 12.86
N VAL A 15 -3.12 -7.81 11.73
CA VAL A 15 -2.40 -6.75 11.00
C VAL A 15 -2.49 -5.45 11.78
N LEU A 16 -3.62 -5.22 12.46
CA LEU A 16 -3.74 -4.00 13.25
C LEU A 16 -2.82 -4.04 14.46
N SER A 17 -2.61 -5.22 15.02
CA SER A 17 -1.60 -5.36 16.07
C SER A 17 -0.21 -5.05 15.54
N LYS A 18 -0.03 -5.20 14.24
CA LYS A 18 1.24 -5.02 13.55
C LYS A 18 1.21 -3.78 12.65
N ALA A 19 0.56 -2.72 13.12
CA ALA A 19 0.43 -1.51 12.32
C ALA A 19 0.22 -0.30 13.20
N LYS A 20 0.44 0.86 12.61
CA LYS A 20 -0.10 2.12 13.12
C LYS A 20 -0.72 2.87 11.95
N LEU A 21 -1.68 3.72 12.26
CA LEU A 21 -2.45 4.44 11.25
C LEU A 21 -2.00 5.89 11.14
N GLN A 22 -1.70 6.34 9.92
CA GLN A 22 -1.25 7.70 9.64
C GLN A 22 -2.34 8.43 8.88
N TYR A 23 -2.58 9.68 9.25
CA TYR A 23 -3.61 10.48 8.60
C TYR A 23 -3.59 11.89 9.15
N PRO A 24 -3.74 12.93 8.31
CA PRO A 24 -3.78 12.89 6.84
C PRO A 24 -2.38 13.02 6.25
N THR A 25 -1.36 13.10 7.08
CA THR A 25 0.02 13.16 6.62
C THR A 25 0.76 12.03 7.32
N SER A 26 2.03 12.22 7.59
CA SER A 26 2.82 11.17 8.20
C SER A 26 2.70 11.11 9.72
N THR A 27 1.85 11.93 10.36
CA THR A 27 1.72 11.84 11.81
C THR A 27 0.78 10.69 12.17
N THR A 28 1.21 9.85 13.11
CA THR A 28 0.38 8.73 13.53
C THR A 28 -0.84 9.25 14.28
N VAL A 29 -2.05 8.86 13.84
CA VAL A 29 -3.25 9.15 14.61
C VAL A 29 -3.71 7.99 15.48
N ALA A 30 -3.27 6.77 15.20
CA ALA A 30 -3.71 5.63 15.99
C ALA A 30 -2.60 4.60 15.98
N PHE A 31 -2.09 4.26 17.18
CA PHE A 31 -1.14 3.18 17.31
C PHE A 31 -1.89 1.86 17.34
N ALA A 32 -1.11 0.77 17.40
CA ALA A 32 -1.73 -0.55 17.37
C ALA A 32 -2.71 -0.70 18.51
N ASP A 33 -2.38 -0.22 19.70
CA ASP A 33 -3.33 -0.41 20.77
C ASP A 33 -4.61 0.39 20.54
N ASP A 34 -4.48 1.58 19.96
CA ASP A 34 -5.65 2.39 19.62
C ASP A 34 -6.51 1.70 18.58
N LEU A 35 -5.86 1.15 17.55
CA LEU A 35 -6.57 0.46 16.49
C LEU A 35 -7.32 -0.75 17.04
N LEU A 36 -6.65 -1.54 17.89
CA LEU A 36 -7.28 -2.73 18.44
C LEU A 36 -8.41 -2.39 19.40
N ASP A 37 -8.41 -1.18 19.96
CA ASP A 37 -9.44 -0.72 20.91
C ASP A 37 -10.64 -0.04 20.23
N GLY A 38 -10.85 -0.26 18.94
CA GLY A 38 -12.04 0.25 18.27
C GLY A 38 -11.87 1.56 17.52
N TYR A 39 -10.65 1.94 17.15
CA TYR A 39 -10.46 3.20 16.43
C TYR A 39 -11.31 3.18 15.16
N ALA A 40 -12.02 4.27 14.92
CA ALA A 40 -12.73 4.38 13.65
C ALA A 40 -12.99 5.85 13.35
N ALA A 41 -13.05 6.18 12.07
CA ALA A 41 -13.33 7.55 11.69
C ALA A 41 -13.76 7.55 10.23
N SER A 42 -14.19 8.72 9.76
CA SER A 42 -14.66 8.83 8.38
C SER A 42 -13.62 8.33 7.40
N TYR A 43 -12.34 8.45 7.71
CA TYR A 43 -11.27 8.09 6.80
C TYR A 43 -10.78 6.66 7.00
N PHE A 44 -11.32 5.96 7.99
CA PHE A 44 -10.84 4.61 8.30
C PHE A 44 -11.97 3.92 9.06
N TYR A 45 -12.72 3.04 8.37
CA TYR A 45 -13.81 2.35 9.06
C TYR A 45 -14.18 1.07 8.31
N LEU A 46 -14.97 0.25 8.99
CA LEU A 46 -15.46 -1.02 8.48
C LEU A 46 -16.81 -0.80 7.82
N THR A 47 -16.92 -1.16 6.54
CA THR A 47 -18.19 -1.11 5.85
C THR A 47 -19.10 -2.25 6.28
N SER A 48 -20.37 -2.17 5.85
CA SER A 48 -21.36 -3.16 6.27
C SER A 48 -21.07 -4.54 5.69
N ASP A 49 -20.35 -4.62 4.57
CA ASP A 49 -19.96 -5.90 3.99
C ASP A 49 -18.49 -6.22 4.30
N LEU A 50 -17.94 -5.59 5.33
CA LEU A 50 -16.76 -6.06 6.05
C LEU A 50 -15.47 -5.74 5.31
N TYR A 51 -15.45 -4.60 4.60
CA TYR A 51 -14.22 -4.03 4.06
C TYR A 51 -13.68 -3.00 5.03
N MET A 52 -12.36 -3.03 5.19
CA MET A 52 -11.63 -1.93 5.81
C MET A 52 -11.42 -0.86 4.75
N GLN A 53 -12.12 0.27 4.87
CA GLN A 53 -12.09 1.32 3.86
C GLN A 53 -11.28 2.53 4.33
N PHE A 54 -10.34 2.94 3.50
CA PHE A 54 -9.56 4.16 3.65
C PHE A 54 -10.10 5.24 2.72
N GLN A 55 -10.16 6.50 3.18
CA GLN A 55 -10.66 7.58 2.36
C GLN A 55 -9.97 8.88 2.77
N VAL A 56 -9.55 9.67 1.79
CA VAL A 56 -8.81 10.90 2.06
C VAL A 56 -8.92 11.82 0.85
N ALA A 57 -8.96 13.13 1.12
CA ALA A 57 -8.93 14.16 0.08
C ALA A 57 -7.67 15.00 0.23
N GLY A 58 -7.22 15.57 -0.87
CA GLY A 58 -6.15 16.54 -0.89
C GLY A 58 -4.86 15.99 -1.50
N SER A 59 -3.98 16.91 -1.91
CA SER A 59 -2.75 16.55 -2.63
C SER A 59 -1.78 15.88 -1.68
N SER A 60 -1.35 14.66 -2.03
CA SER A 60 -0.37 13.91 -1.26
C SER A 60 -0.83 13.63 0.16
N GLN A 61 -2.13 13.65 0.40
CA GLN A 61 -2.67 13.25 1.69
C GLN A 61 -2.95 11.76 1.68
N ARG A 62 -3.07 11.19 2.89
CA ARG A 62 -3.09 9.74 3.01
C ARG A 62 -3.94 9.32 4.20
N SER A 63 -4.49 8.12 4.07
CA SER A 63 -4.95 7.31 5.19
C SER A 63 -4.33 5.94 5.03
N GLU A 64 -3.31 5.63 5.84
CA GLU A 64 -2.45 4.49 5.56
C GLU A 64 -2.00 3.82 6.85
N LEU A 65 -2.01 2.49 6.81
CA LEU A 65 -1.36 1.67 7.84
C LEU A 65 0.11 1.47 7.48
N ARG A 66 0.94 1.55 8.51
CA ARG A 66 2.38 1.43 8.40
C ARG A 66 2.78 0.22 9.22
N GLU A 67 3.53 -0.68 8.61
CA GLU A 67 3.91 -1.94 9.26
C GLU A 67 4.72 -1.73 10.54
N MET A 68 4.34 -2.47 11.61
CA MET A 68 5.04 -2.44 12.90
C MET A 68 5.28 -3.85 13.39
N GLU A 69 6.23 -4.00 14.31
CA GLU A 69 6.40 -5.25 15.04
C GLU A 69 5.45 -5.26 16.24
N THR A 70 5.01 -6.46 16.65
CA THR A 70 4.13 -6.55 17.82
C THR A 70 4.76 -5.95 19.06
N SER A 71 6.09 -5.90 19.11
CA SER A 71 6.83 -5.30 20.22
C SER A 71 6.62 -3.80 20.31
N GLY A 72 6.12 -3.17 19.25
CA GLY A 72 6.00 -1.72 19.17
C GLY A 72 7.15 -1.06 18.44
N ASP A 73 8.23 -1.80 18.19
CA ASP A 73 9.26 -1.33 17.27
C ASP A 73 8.65 -1.12 15.88
N GLU A 74 9.12 -0.09 15.18
CA GLU A 74 8.73 0.04 13.78
C GLU A 74 9.39 -1.08 12.99
N ALA A 75 8.69 -1.60 11.99
CA ALA A 75 9.36 -2.53 11.08
C ALA A 75 10.48 -1.82 10.34
N ALA A 76 11.65 -2.45 10.29
CA ALA A 76 12.82 -1.89 9.62
C ALA A 76 13.70 -3.05 9.17
N TRP A 77 13.18 -3.90 8.28
CA TRP A 77 13.91 -5.08 7.82
C TRP A 77 14.86 -4.72 6.67
N ASP A 78 15.90 -5.54 6.52
CA ASP A 78 16.90 -5.31 5.48
C ASP A 78 16.22 -5.44 4.12
N CYS A 79 16.20 -4.35 3.35
CA CYS A 79 15.39 -4.34 2.13
C CYS A 79 15.80 -5.45 1.17
N THR A 80 17.07 -5.82 1.18
CA THR A 80 17.63 -6.80 0.25
C THR A 80 18.14 -8.03 0.98
N GLY A 81 17.62 -8.29 2.19
CA GLY A 81 18.15 -9.38 2.98
C GLY A 81 17.60 -10.72 2.53
N SER A 82 18.11 -11.76 3.19
CA SER A 82 17.76 -13.14 2.85
C SER A 82 16.41 -13.56 3.40
N THR A 83 15.93 -12.88 4.43
CA THR A 83 14.60 -13.16 4.96
C THR A 83 13.54 -12.65 4.00
N ALA A 84 12.58 -13.50 3.66
CA ALA A 84 11.48 -13.09 2.79
C ALA A 84 10.48 -12.28 3.60
N HIS A 85 10.01 -11.19 2.99
CA HIS A 85 8.95 -10.35 3.53
C HIS A 85 7.81 -10.34 2.53
N VAL A 86 6.60 -10.64 3.00
CA VAL A 86 5.47 -10.84 2.13
C VAL A 86 4.30 -10.04 2.66
N ALA A 87 3.70 -9.23 1.80
CA ALA A 87 2.44 -8.57 2.08
C ALA A 87 1.38 -9.14 1.17
N SER A 88 0.18 -9.34 1.70
CA SER A 88 -0.90 -9.84 0.88
C SER A 88 -2.17 -9.08 1.24
N ALA A 89 -2.99 -8.85 0.23
CA ALA A 89 -4.16 -8.05 0.45
C ALA A 89 -5.19 -8.40 -0.61
N GLN A 90 -6.46 -8.38 -0.21
CA GLN A 90 -7.60 -8.43 -1.12
C GLN A 90 -8.18 -7.02 -1.16
N ILE A 91 -8.13 -6.39 -2.31
CA ILE A 91 -8.45 -4.97 -2.42
C ILE A 91 -9.52 -4.76 -3.48
N ALA A 92 -10.48 -3.94 -3.17
CA ALA A 92 -11.53 -3.55 -4.13
C ALA A 92 -11.30 -2.07 -4.37
N ILE A 93 -10.89 -1.74 -5.60
CA ILE A 93 -10.70 -0.36 -6.00
C ILE A 93 -11.95 0.20 -6.66
N PRO A 94 -12.73 1.02 -5.98
CA PRO A 94 -13.94 1.56 -6.61
C PRO A 94 -13.58 2.56 -7.70
N VAL A 95 -14.58 2.91 -8.50
CA VAL A 95 -14.41 3.99 -9.45
C VAL A 95 -14.08 5.26 -8.67
N GLN A 96 -12.94 5.87 -8.97
CA GLN A 96 -12.54 7.02 -8.17
C GLN A 96 -13.34 8.26 -8.55
N GLU A 97 -13.54 9.13 -7.56
CA GLU A 97 -14.28 10.37 -7.84
C GLU A 97 -13.57 11.19 -8.91
N ASP A 98 -14.30 12.07 -9.57
CA ASP A 98 -13.68 12.92 -10.58
C ASP A 98 -12.60 13.80 -9.93
N GLY A 99 -11.49 13.98 -10.64
CA GLY A 99 -10.38 14.74 -10.12
C GLY A 99 -9.37 13.94 -9.33
N ILE A 100 -9.63 12.66 -9.12
CA ILE A 100 -8.70 11.74 -8.48
C ILE A 100 -7.96 11.04 -9.60
N GLU A 101 -6.61 11.18 -9.61
CA GLU A 101 -5.80 10.79 -10.76
C GLU A 101 -4.84 9.65 -10.46
N GLU A 102 -4.43 9.46 -9.20
CA GLU A 102 -3.61 8.31 -8.85
C GLU A 102 -3.78 8.07 -7.37
N VAL A 103 -3.95 6.82 -6.99
CA VAL A 103 -4.08 6.45 -5.59
C VAL A 103 -3.16 5.27 -5.32
N THR A 104 -2.18 5.47 -4.44
CA THR A 104 -1.28 4.41 -4.04
C THR A 104 -1.96 3.58 -2.95
N ILE A 105 -1.99 2.26 -3.15
CA ILE A 105 -2.70 1.38 -2.25
C ILE A 105 -1.77 0.46 -1.46
N LEU A 106 -0.58 0.14 -1.98
CA LEU A 106 0.37 -0.69 -1.23
C LEU A 106 1.76 -0.15 -1.50
N GLN A 107 2.65 -0.24 -0.51
CA GLN A 107 4.03 0.22 -0.69
C GLN A 107 5.02 -0.70 0.02
N VAL A 108 6.23 -0.68 -0.50
CA VAL A 108 7.44 -0.99 0.26
C VAL A 108 8.18 0.34 0.36
N HIS A 109 8.37 0.84 1.57
CA HIS A 109 9.00 2.14 1.76
C HIS A 109 10.28 1.94 2.57
N ASP A 110 11.31 2.73 2.26
CA ASP A 110 12.53 2.63 3.04
C ASP A 110 12.39 3.46 4.32
N SER A 111 13.38 3.34 5.22
CA SER A 111 13.24 3.97 6.53
C SER A 111 13.59 5.45 6.51
N ASP A 112 13.69 6.05 5.33
CA ASP A 112 13.90 7.48 5.21
C ASP A 112 12.79 8.06 4.33
N VAL A 113 13.11 8.47 3.09
CA VAL A 113 12.17 9.24 2.28
C VAL A 113 12.00 8.71 0.88
N THR A 114 12.23 7.41 0.66
CA THR A 114 12.15 6.87 -0.70
C THR A 114 11.21 5.67 -0.72
N PRO A 115 10.17 5.68 -1.55
CA PRO A 115 9.37 4.47 -1.73
C PRO A 115 10.09 3.51 -2.66
N VAL A 116 10.37 2.33 -2.17
CA VAL A 116 10.96 1.32 -3.03
C VAL A 116 9.97 0.93 -4.10
N LEU A 117 8.76 0.58 -3.67
CA LEU A 117 7.70 0.13 -4.55
C LEU A 117 6.41 0.85 -4.17
N ARG A 118 5.71 1.37 -5.17
CA ARG A 118 4.32 1.77 -5.00
C ARG A 118 3.45 0.96 -5.95
N ILE A 119 2.39 0.35 -5.42
CA ILE A 119 1.32 -0.15 -6.27
C ILE A 119 0.20 0.87 -6.22
N SER A 120 -0.25 1.32 -7.38
CA SER A 120 -1.18 2.44 -7.44
C SER A 120 -2.16 2.25 -8.60
N TRP A 121 -3.36 2.78 -8.40
CA TRP A 121 -4.30 2.99 -9.49
C TRP A 121 -3.99 4.32 -10.16
N VAL A 122 -4.00 4.34 -11.50
CA VAL A 122 -3.77 5.58 -12.24
C VAL A 122 -4.87 5.78 -13.27
N SER A 123 -5.26 7.05 -13.45
CA SER A 123 -6.17 7.40 -14.54
C SER A 123 -5.51 7.17 -15.88
N SER A 124 -4.21 7.46 -15.97
CA SER A 124 -3.47 7.34 -17.22
C SER A 124 -2.00 7.21 -16.89
N ILE A 125 -1.25 6.67 -17.84
CA ILE A 125 0.19 6.49 -17.71
C ILE A 125 0.70 6.20 -19.11
N THR A 126 1.82 6.81 -19.45
CA THR A 126 2.51 6.55 -20.71
C THR A 126 3.86 5.95 -20.37
N ILE A 127 4.11 4.74 -20.86
CA ILE A 127 5.33 4.00 -20.56
C ILE A 127 5.97 3.67 -21.89
N ASP A 128 7.03 4.41 -22.25
CA ASP A 128 7.75 4.22 -23.49
C ASP A 128 6.78 4.25 -24.68
N GLY A 129 6.13 5.41 -24.85
CA GLY A 129 5.25 5.64 -25.98
C GLY A 129 3.91 4.91 -25.93
N VAL A 130 3.64 4.14 -24.90
CA VAL A 130 2.41 3.38 -24.80
C VAL A 130 1.57 3.98 -23.69
N THR A 131 0.36 4.41 -24.03
CA THR A 131 -0.55 5.01 -23.04
C THR A 131 -1.59 3.98 -22.61
N SER A 132 -1.66 3.74 -21.31
CA SER A 132 -2.71 2.92 -20.72
C SER A 132 -3.63 3.78 -19.87
N GLU A 133 -4.92 3.49 -19.92
CA GLU A 133 -5.89 4.22 -19.12
C GLU A 133 -6.55 3.26 -18.15
N ASP A 134 -6.71 3.72 -16.90
CA ASP A 134 -7.52 3.03 -15.89
C ASP A 134 -6.90 1.67 -15.55
N VAL A 135 -5.67 1.71 -15.03
CA VAL A 135 -4.94 0.48 -14.73
C VAL A 135 -4.31 0.56 -13.35
N VAL A 136 -3.86 -0.58 -12.89
CA VAL A 136 -3.07 -0.70 -11.68
C VAL A 136 -1.62 -0.88 -12.10
N LEU A 137 -0.72 -0.17 -11.41
CA LEU A 137 0.64 0.10 -11.86
C LEU A 137 1.58 -0.26 -10.73
N ALA A 138 2.76 -0.77 -11.09
CA ALA A 138 3.88 -0.90 -10.17
C ALA A 138 4.95 0.11 -10.54
N THR A 139 5.47 0.84 -9.55
CA THR A 139 6.50 1.85 -9.71
C THR A 139 7.64 1.56 -8.75
N ILE A 140 8.83 1.28 -9.30
CA ILE A 140 9.99 0.96 -8.49
C ILE A 140 11.03 2.04 -8.75
N ARG A 141 11.38 2.76 -7.69
CA ARG A 141 12.35 3.85 -7.80
C ARG A 141 13.73 3.30 -8.15
N ASN A 142 14.42 4.02 -9.03
CA ASN A 142 15.72 3.58 -9.51
C ASN A 142 16.84 3.83 -8.51
N GLY A 143 16.61 4.64 -7.47
CA GLY A 143 17.59 4.81 -6.43
C GLY A 143 17.14 5.90 -5.47
N ILE A 144 17.91 6.05 -4.39
CA ILE A 144 17.60 7.13 -3.46
C ILE A 144 17.91 8.47 -4.11
N ASP A 145 18.97 8.53 -4.87
CA ASP A 145 19.41 9.77 -5.52
C ASP A 145 18.88 9.91 -6.94
N ASP A 146 18.26 8.88 -7.48
CA ASP A 146 17.60 8.93 -8.77
C ASP A 146 16.09 9.09 -8.56
N SER A 147 15.57 10.27 -8.93
CA SER A 147 14.13 10.52 -8.82
C SER A 147 13.31 9.65 -9.76
N THR A 148 13.92 9.10 -10.79
CA THR A 148 13.15 8.35 -11.78
C THR A 148 12.80 6.96 -11.27
N ALA A 149 11.85 6.35 -11.95
CA ALA A 149 11.38 5.05 -11.56
C ALA A 149 11.05 4.21 -12.79
N THR A 150 11.02 2.91 -12.56
CA THR A 150 10.62 1.92 -13.55
C THR A 150 9.17 1.56 -13.27
N LYS A 151 8.31 1.73 -14.27
CA LYS A 151 6.86 1.54 -14.11
C LYS A 151 6.40 0.34 -14.93
N THR A 152 5.45 -0.43 -14.38
CA THR A 152 4.97 -1.66 -14.99
C THR A 152 3.47 -1.78 -14.79
N VAL A 153 2.70 -1.90 -15.88
CA VAL A 153 1.26 -2.09 -15.73
C VAL A 153 1.02 -3.52 -15.23
N LEU A 154 0.30 -3.64 -14.11
CA LEU A 154 -0.05 -4.92 -13.50
C LEU A 154 -1.43 -5.48 -13.87
N GLN A 155 -2.45 -4.63 -14.06
CA GLN A 155 -3.83 -5.10 -14.14
C GLN A 155 -4.71 -4.00 -14.70
N ALA A 156 -5.69 -4.38 -15.51
CA ALA A 156 -6.73 -3.43 -15.85
C ALA A 156 -7.63 -3.25 -14.63
N HIS A 157 -7.91 -2.01 -14.28
CA HIS A 157 -8.75 -1.72 -13.13
C HIS A 157 -10.10 -2.43 -13.26
N THR A 158 -10.51 -3.08 -12.18
CA THR A 158 -11.86 -3.63 -12.02
C THR A 158 -12.35 -3.24 -10.63
N THR A 159 -13.67 -3.11 -10.48
CA THR A 159 -14.23 -2.96 -9.14
C THR A 159 -14.19 -4.26 -8.33
N SER A 160 -13.92 -5.39 -8.98
CA SER A 160 -13.92 -6.67 -8.31
C SER A 160 -12.79 -6.73 -7.29
N ARG A 161 -13.04 -7.45 -6.20
CA ARG A 161 -12.03 -7.71 -5.17
C ARG A 161 -10.86 -8.48 -5.79
N THR A 162 -9.62 -8.00 -5.55
CA THR A 162 -8.44 -8.52 -6.23
C THR A 162 -7.34 -8.87 -5.24
N GLU A 163 -6.74 -10.04 -5.41
CA GLU A 163 -5.64 -10.45 -4.54
C GLU A 163 -4.32 -9.87 -5.05
N PHE A 164 -3.63 -9.12 -4.19
CA PHE A 164 -2.28 -8.64 -4.47
C PHE A 164 -1.33 -9.30 -3.50
N ASN A 165 -0.16 -9.67 -4.00
CA ASN A 165 0.91 -10.25 -3.19
C ASN A 165 2.24 -9.64 -3.59
N ILE A 166 2.98 -9.12 -2.60
CA ILE A 166 4.32 -8.56 -2.78
C ILE A 166 5.27 -9.45 -2.03
N ASN A 167 6.27 -10.00 -2.70
CA ASN A 167 7.26 -10.88 -2.09
C ASN A 167 8.64 -10.28 -2.31
N VAL A 168 9.34 -9.98 -1.21
CA VAL A 168 10.62 -9.31 -1.24
C VAL A 168 11.65 -10.23 -0.58
N GLN A 169 12.70 -10.62 -1.32
CA GLN A 169 13.69 -11.53 -0.76
C GLN A 169 14.96 -11.44 -1.57
N ASN A 170 16.10 -11.35 -0.90
N ASN A 170 16.07 -11.56 -0.86
CA ASN A 170 17.40 -11.54 -1.56
CA ASN A 170 17.35 -11.20 -1.44
C ASN A 170 17.66 -10.54 -2.69
C ASN A 170 17.11 -9.85 -2.09
N SER A 171 17.17 -9.30 -2.56
N SER A 171 17.71 -9.61 -3.24
CA SER A 171 17.43 -8.19 -3.49
CA SER A 171 17.65 -8.29 -3.84
C SER A 171 16.58 -8.24 -4.75
C SER A 171 16.53 -8.17 -4.84
N LYS A 172 15.48 -8.98 -4.71
CA LYS A 172 14.50 -9.09 -5.78
C LYS A 172 13.11 -8.91 -5.20
N LEU A 173 12.20 -8.43 -6.03
CA LEU A 173 10.86 -8.15 -5.60
C LEU A 173 9.90 -8.67 -6.67
N SER A 174 8.86 -9.41 -6.26
CA SER A 174 7.88 -9.96 -7.17
C SER A 174 6.48 -9.57 -6.73
N ILE A 175 5.57 -9.45 -7.71
CA ILE A 175 4.18 -9.09 -7.48
C ILE A 175 3.30 -10.07 -8.23
N THR A 176 2.30 -10.61 -7.54
CA THR A 176 1.28 -11.42 -8.18
C THR A 176 -0.07 -10.75 -8.01
N VAL A 177 -0.91 -10.89 -9.02
CA VAL A 177 -2.26 -10.34 -9.04
C VAL A 177 -3.21 -11.48 -9.35
N ASP A 178 -4.15 -11.76 -8.45
CA ASP A 178 -5.00 -12.94 -8.52
C ASP A 178 -4.20 -14.21 -8.86
N GLY A 179 -3.03 -14.34 -8.22
CA GLY A 179 -2.23 -15.53 -8.32
C GLY A 179 -1.30 -15.56 -9.51
N THR A 180 -1.43 -14.62 -10.44
CA THR A 180 -0.62 -14.55 -11.65
C THR A 180 0.53 -13.59 -11.42
N THR A 181 1.75 -14.03 -11.69
CA THR A 181 2.90 -13.15 -11.56
C THR A 181 2.82 -12.03 -12.59
N GLU A 182 2.84 -10.78 -12.14
CA GLU A 182 2.81 -9.63 -13.04
C GLU A 182 4.11 -8.84 -12.99
N LEU A 183 4.95 -9.09 -12.00
CA LEU A 183 6.30 -8.53 -11.96
C LEU A 183 7.20 -9.58 -11.34
N ASP A 184 8.16 -10.07 -12.11
CA ASP A 184 8.90 -11.30 -11.83
C ASP A 184 10.32 -10.91 -11.40
N GLU A 185 10.55 -10.90 -10.08
CA GLU A 185 11.89 -10.66 -9.53
C GLU A 185 12.54 -9.40 -10.11
N ALA A 186 11.83 -8.28 -9.99
CA ALA A 186 12.45 -7.01 -10.30
C ALA A 186 13.62 -6.78 -9.36
N ASP A 187 14.67 -6.15 -9.86
CA ASP A 187 15.84 -5.88 -9.03
C ASP A 187 15.62 -4.64 -8.17
N ILE A 188 16.02 -4.74 -6.89
CA ILE A 188 15.97 -3.62 -5.94
C ILE A 188 17.31 -3.49 -5.23
N SER A 189 18.39 -3.99 -5.86
CA SER A 189 19.71 -3.89 -5.24
C SER A 189 20.09 -2.44 -4.98
N GLN A 190 19.42 -1.48 -5.61
CA GLN A 190 19.68 -0.06 -5.36
C GLN A 190 19.32 0.33 -3.95
N PHE A 191 18.65 -0.55 -3.20
CA PHE A 191 18.36 -0.30 -1.79
C PHE A 191 19.19 -1.20 -0.87
N ASP A 192 20.32 -1.71 -1.35
CA ASP A 192 21.31 -2.34 -0.46
C ASP A 192 21.68 -1.36 0.65
N GLY A 193 21.74 -1.84 1.89
CA GLY A 193 22.04 -0.95 3.00
C GLY A 193 20.87 -0.09 3.50
N SER A 194 19.69 -0.22 2.90
CA SER A 194 18.47 0.40 3.39
C SER A 194 17.69 -0.59 4.24
N THR A 195 16.78 -0.05 5.06
CA THR A 195 15.78 -0.86 5.73
C THR A 195 14.41 -0.44 5.22
N CYS A 196 13.45 -1.33 5.38
CA CYS A 196 12.19 -1.25 4.63
C CYS A 196 11.03 -1.62 5.52
N TYR A 197 9.83 -1.28 5.02
CA TYR A 197 8.57 -1.65 5.66
C TYR A 197 7.46 -1.54 4.64
N PHE A 198 6.37 -2.26 4.91
CA PHE A 198 5.19 -2.21 4.08
C PHE A 198 4.23 -1.12 4.55
N LYS A 199 3.42 -0.63 3.62
CA LYS A 199 2.29 0.24 3.94
C LYS A 199 1.11 -0.17 3.08
N ALA A 200 -0.10 0.13 3.57
CA ALA A 200 -1.33 -0.19 2.86
C ALA A 200 -2.39 0.85 3.17
N GLY A 201 -3.12 1.28 2.16
CA GLY A 201 -4.23 2.18 2.40
C GLY A 201 -4.60 2.97 1.16
N ALA A 202 -4.75 4.27 1.32
CA ALA A 202 -5.01 5.20 0.24
C ALA A 202 -4.08 6.40 0.38
N TYR A 203 -3.20 6.59 -0.59
CA TYR A 203 -2.32 7.75 -0.64
C TYR A 203 -2.62 8.46 -1.95
N ASN A 204 -3.11 9.70 -1.84
CA ASN A 204 -3.69 10.42 -2.99
C ASN A 204 -2.63 11.24 -3.69
N ASN A 205 -2.23 10.80 -4.89
CA ASN A 205 -1.15 11.41 -5.65
C ASN A 205 -1.68 12.32 -6.76
N ASN A 206 -1.28 13.59 -6.73
CA ASN A 206 -1.48 14.52 -7.84
C ASN A 206 -2.95 14.64 -8.26
N PRO A 207 -3.86 14.79 -7.31
CA PRO A 207 -5.24 15.07 -7.70
C PRO A 207 -5.33 16.40 -8.42
N THR A 208 -6.33 16.52 -9.29
CA THR A 208 -6.68 17.78 -9.94
C THR A 208 -7.80 18.53 -9.23
N ASP A 209 -8.60 17.82 -8.42
CA ASP A 209 -9.60 18.38 -7.53
C ASP A 209 -9.10 18.10 -6.12
N THR A 210 -8.59 19.12 -5.43
CA THR A 210 -8.09 18.85 -4.06
C THR A 210 -9.21 18.56 -3.07
N SER A 211 -10.47 18.67 -3.48
CA SER A 211 -11.61 18.36 -2.61
C SER A 211 -12.12 16.94 -2.76
N ALA A 212 -11.77 16.27 -3.85
CA ALA A 212 -12.33 14.97 -4.13
C ALA A 212 -11.73 13.96 -3.16
N ASN A 213 -12.48 12.89 -2.91
CA ASN A 213 -12.01 11.82 -2.05
C ASN A 213 -11.55 10.63 -2.85
N ALA A 214 -10.31 10.22 -2.59
CA ALA A 214 -9.84 8.88 -2.94
C ALA A 214 -10.35 7.90 -1.89
N ARG A 215 -10.61 6.67 -2.34
CA ARG A 215 -11.31 5.68 -1.52
C ARG A 215 -10.88 4.30 -1.98
N ILE A 216 -10.44 3.48 -1.03
CA ILE A 216 -9.90 2.15 -1.31
C ILE A 216 -10.41 1.21 -0.22
N LYS A 217 -10.79 -0.01 -0.60
CA LYS A 217 -11.38 -0.97 0.35
C LYS A 217 -10.56 -2.26 0.39
N MET A 218 -10.27 -2.71 1.62
N MET A 218 -10.29 -2.76 1.61
CA MET A 218 -9.49 -3.93 1.88
CA MET A 218 -9.47 -3.95 1.78
C MET A 218 -10.39 -4.96 2.53
C MET A 218 -10.26 -4.98 2.56
N TYR A 219 -10.48 -6.15 1.93
CA TYR A 219 -11.22 -7.24 2.54
C TYR A 219 -10.34 -8.14 3.41
N GLU A 220 -9.06 -8.21 3.06
CA GLU A 220 -8.03 -8.92 3.81
C GLU A 220 -6.72 -8.14 3.67
N LEU A 221 -5.88 -8.24 4.70
CA LEU A 221 -4.59 -7.58 4.66
C LEU A 221 -3.69 -8.27 5.68
N GLU A 222 -2.46 -8.56 5.28
CA GLU A 222 -1.52 -9.12 6.27
C GLU A 222 -0.12 -8.90 5.77
N TRP A 223 0.83 -8.88 6.69
CA TRP A 223 2.24 -8.88 6.32
C TRP A 223 2.99 -9.73 7.30
N VAL A 224 3.99 -10.46 6.79
CA VAL A 224 4.72 -11.47 7.54
C VAL A 224 6.17 -11.45 7.10
N ASP A 225 7.00 -12.20 7.83
CA ASP A 225 8.35 -12.57 7.40
C ASP A 225 8.59 -14.04 7.71
N HIS A 226 9.60 -14.62 7.04
CA HIS A 226 9.97 -16.02 7.20
C HIS A 226 11.48 -16.12 7.27
N HIS A 227 11.99 -16.84 8.27
CA HIS A 227 13.43 -16.82 8.55
C HIS A 227 14.06 -18.20 8.34
C1 BEM B . 6.72 9.09 12.34
C2 BEM B . 6.45 10.09 11.18
O2 BEM B . 6.48 11.46 11.66
C3 BEM B . 7.36 9.97 9.98
O3 BEM B . 8.74 10.36 10.27
C4 BEM B . 7.40 8.57 9.41
O4 BEM B . 6.42 8.45 8.35
C5 BEM B . 7.02 7.49 10.45
O5 BEM B . 7.40 7.83 11.84
C6 BEM B . 7.62 6.17 10.01
O6B BEM B . 8.78 6.06 9.50
O6A BEM B . 6.90 5.14 10.13
O1 BEM B . 7.46 9.64 13.35
H1 BEM B . 5.85 8.88 12.72
H2 BEM B . 5.55 9.88 10.88
HO2 BEM B . 5.83 11.90 11.32
H3 BEM B . 7.00 10.60 9.33
HO3 BEM B . 9.09 10.70 9.58
H4 BEM B . 8.30 8.43 9.08
H5 BEM B . 6.06 7.39 10.47
HO1 BEM B . 7.47 10.48 13.29
C1 BEM B . 6.99 8.56 7.04
C2 BEM B . 6.15 7.70 6.10
O2 BEM B . 4.76 8.10 6.23
C3 BEM B . 6.61 7.82 4.67
O3 BEM B . 5.68 7.08 3.82
C4 BEM B . 6.75 9.26 4.19
O4 BEM B . 7.42 9.24 2.91
C5 BEM B . 7.57 10.12 5.18
O5 BEM B . 7.09 9.99 6.58
C6 BEM B . 7.52 11.59 4.85
O6B BEM B . 8.60 12.19 4.56
O6A BEM B . 6.42 12.24 4.87
H3 BEM B . 7.48 7.43 4.59
HO3 BEM B . 5.83 6.25 3.89
H4 BEM B . 5.88 9.67 4.09
H5 BEM B . 8.49 9.83 5.10
C1 MAW B . 7.01 10.30 1.99
C2 MAW B . 8.20 10.53 1.02
O2 MAW B . 9.04 9.40 0.99
C3 MAW B . 7.71 10.73 -0.40
O3 MAW B . 8.78 10.86 -1.31
C4 MAW B . 6.90 9.45 -0.62
C5 MAW B . 5.88 9.23 0.19
O5 MAW B . 5.79 9.92 1.34
C6 MAW B . 5.19 7.85 0.19
O6A MAW B . 4.61 7.42 1.23
O6B MAW B . 5.21 7.13 -0.85
H1 MAW B . 6.83 11.14 2.43
H2 MAW B . 8.67 11.32 1.35
HO2 MAW B . 9.54 9.41 1.67
H3 MAW B . 7.20 11.53 -0.53
HO3 MAW B . 8.78 11.64 -1.65
H4 MAW B . 7.11 8.86 -1.31
C1 BEM C . 5.52 10.00 -3.41
C1 BEM C . 5.18 9.18 -3.80
C2 BEM C . 4.63 10.59 -4.50
C2 BEM C . 4.26 10.34 -4.07
O2 BEM C . 4.94 11.99 -4.66
O2 BEM C . 4.83 11.57 -3.57
C3 BEM C . 4.81 9.91 -5.79
C3 BEM C . 4.10 10.45 -5.54
O3 BEM C . 4.03 10.63 -6.77
O3 BEM C . 3.71 11.79 -5.91
C4 BEM C . 6.27 9.83 -6.20
C4 BEM C . 5.37 10.17 -6.28
O4 BEM C . 6.39 8.99 -7.34
O4 BEM C . 5.07 9.00 -7.05
C5 BEM C . 7.12 9.23 -5.06
C5 BEM C . 6.69 9.94 -5.49
O5 BEM C . 6.97 9.99 -3.82
O5 BEM C . 6.57 9.63 -4.07
C6 BEM C . 8.58 9.28 -5.42
C6 BEM C . 7.57 11.15 -5.65
O6B BEM C . 9.07 8.35 -6.09
O6B BEM C . 8.81 10.99 -5.80
O6A BEM C . 9.26 10.25 -5.06
O6A BEM C . 7.08 12.32 -5.62
O1 BEM C . 5.38 10.76 -2.30
O1 BEM C . 5.12 8.74 -2.53
H1 BEM C . 5.24 9.08 -3.23
H1 BEM C . 4.90 8.42 -4.34
H2 BEM C . 3.71 10.50 -4.22
H2 BEM C . 3.41 10.22 -3.62
HO2 BEM C . 4.44 12.32 -5.26
HO2 BEM C . 4.49 12.23 -3.99
H3 BEM C . 4.48 8.99 -5.75
H3 BEM C . 3.42 9.82 -5.78
HO3 BEM C . 3.43 10.13 -7.08
HO3 BEM C . 3.26 11.75 -6.64
H4 BEM C . 6.59 10.72 -6.42
H4 BEM C . 5.58 10.96 -6.79
H5 BEM C . 6.83 8.32 -4.95
H5 BEM C . 7.10 9.15 -5.90
HO1 BEM C . 5.60 11.55 -2.49
HO1 BEM C . 5.17 7.90 -2.52
C1 BEM C . 7.31 9.54 -8.30
C2 BEM C . 7.46 8.56 -9.41
O2 BEM C . 6.12 8.35 -9.88
C3 BEM C . 8.28 9.17 -10.50
O3 BEM C . 8.24 8.25 -11.65
C4 BEM C . 7.78 10.53 -10.92
O4 BEM C . 8.72 11.21 -11.75
C5 BEM C . 7.55 11.49 -9.75
O5 BEM C . 6.78 10.86 -8.68
C6 BEM C . 6.82 12.69 -10.26
O6B BEM C . 7.49 13.74 -10.56
O6A BEM C . 5.56 12.68 -10.40
H3 BEM C . 9.19 9.27 -10.21
HO3 BEM C . 8.16 7.45 -11.38
H4 BEM C . 6.95 10.34 -11.40
H5 BEM C . 8.41 11.77 -9.38
C1 BEM C . 8.25 11.24 -13.10
C2 BEM C . 9.35 11.82 -13.98
O2 BEM C . 10.54 10.97 -13.90
C3 BEM C . 8.84 11.91 -15.37
O3 BEM C . 9.89 12.50 -16.20
C4 BEM C . 8.45 10.56 -15.91
O4 BEM C . 7.79 10.68 -17.16
C5 BEM C . 7.48 9.82 -14.98
O5 BEM C . 7.85 9.89 -13.56
C6 BEM C . 7.46 8.38 -15.39
O6B BEM C . 6.50 7.98 -16.11
O6A BEM C . 8.39 7.59 -15.00
H3 BEM C . 8.06 12.49 -15.42
HO3 BEM C . 10.65 12.36 -15.84
H4 BEM C . 9.28 10.05 -16.02
HO4 BEM C . 8.37 10.77 -17.78
H5 BEM C . 6.61 10.23 -15.08
#